data_8HOA
#
_entry.id   8HOA
#
_cell.length_a   42.660
_cell.length_b   82.350
_cell.length_c   98.450
_cell.angle_alpha   90.00
_cell.angle_beta   90.00
_cell.angle_gamma   90.00
#
_symmetry.space_group_name_H-M   'P 21 21 21'
#
loop_
_entity.id
_entity.type
_entity.pdbx_description
1 polymer 'Hypothetical protein'
2 non-polymer "ADENOSINE-5'-TRIPHOSPHATE"
3 non-polymer (2R,5R)-hexane-2,5-diol
4 non-polymer 'FORMIC ACID'
5 water water
#
_entity_poly.entity_id   1
_entity_poly.type   'polypeptide(L)'
_entity_poly.pdbx_seq_one_letter_code
;MGSSHHHHHHSQGSMSLVGSNLHVFTIAELRAVTRDFSMTNFIGEGGFGPVYKGYVHDKTKPGLAAQTVAVRLLDLEGGQ
GHTEWQTEVFFLGQLRHPHLVKLIGYCYEDEHRLLVYEFMTRGSLEKHLFKKYAASLPWSTRLKIAIGAAKGLAFLHEAE
KPVIYRDFKTSNILLDSDYKAKLSDFGLAKDGPEDDETHVSTRVMGTQGYAAPEYIMTGHLTAKSDVYGYGVVLLELLSG
RKAVDKTRPPREQSLVEWARPYLTDARRLDRVMDPSLAGQYSTRAAHKAAAVAHQCVALNPKSRPHMSAVVDALEPLLAL
DDCIVG
;
_entity_poly.pdbx_strand_id   A
#
# COMPACT_ATOMS: atom_id res chain seq x y z
N ASN A 21 -21.01 -7.60 3.18
CA ASN A 21 -20.93 -8.82 2.33
C ASN A 21 -19.79 -9.73 2.83
N LEU A 22 -20.05 -10.47 3.91
CA LEU A 22 -18.99 -11.31 4.52
C LEU A 22 -19.45 -12.76 4.69
N HIS A 23 -18.57 -13.70 4.33
CA HIS A 23 -18.86 -15.13 4.57
C HIS A 23 -18.32 -15.50 5.95
N VAL A 24 -18.97 -16.42 6.64
CA VAL A 24 -18.46 -16.87 7.97
C VAL A 24 -17.86 -18.26 7.75
N PHE A 25 -16.63 -18.46 8.22
CA PHE A 25 -16.00 -19.79 8.05
C PHE A 25 -15.73 -20.39 9.43
N THR A 26 -15.76 -21.72 9.50
CA THR A 26 -15.28 -22.40 10.69
C THR A 26 -13.80 -22.68 10.57
N ILE A 27 -13.17 -23.04 11.70
CA ILE A 27 -11.77 -23.47 11.64
C ILE A 27 -11.62 -24.72 10.77
N ALA A 28 -12.60 -25.63 10.85
CA ALA A 28 -12.54 -26.83 10.03
C ALA A 28 -12.50 -26.50 8.55
N GLU A 29 -13.33 -25.55 8.11
CA GLU A 29 -13.27 -25.11 6.73
C GLU A 29 -11.92 -24.49 6.40
N LEU A 30 -11.41 -23.65 7.30
CA LEU A 30 -10.14 -22.98 6.99
C LEU A 30 -8.97 -23.95 7.00
N ARG A 31 -9.07 -25.08 7.72
CA ARG A 31 -8.06 -26.12 7.57
C ARG A 31 -8.07 -26.69 6.17
N ALA A 32 -9.26 -26.91 5.60
CA ALA A 32 -9.33 -27.34 4.21
C ALA A 32 -8.74 -26.29 3.29
N VAL A 33 -9.07 -25.02 3.55
CA VAL A 33 -8.60 -23.91 2.69
C VAL A 33 -7.08 -23.76 2.73
N THR A 34 -6.47 -24.01 3.89
CA THR A 34 -5.00 -23.76 4.03
C THR A 34 -4.20 -25.06 4.20
N ARG A 35 -4.79 -26.22 3.87
CA ARG A 35 -4.11 -27.53 4.05
C ARG A 35 -3.64 -27.63 5.50
N ASP A 36 -4.57 -27.41 6.44
CA ASP A 36 -4.31 -27.45 7.90
C ASP A 36 -3.18 -26.51 8.29
N PHE A 37 -3.20 -25.28 7.75
CA PHE A 37 -2.16 -24.26 8.05
C PHE A 37 -0.77 -24.88 7.87
N SER A 38 -0.54 -25.48 6.71
CA SER A 38 0.75 -26.15 6.39
C SER A 38 1.90 -25.15 6.39
N MET A 39 3.08 -25.61 6.82
CA MET A 39 4.29 -24.75 6.86
C MET A 39 4.54 -24.19 5.46
N THR A 40 4.14 -24.91 4.41
CA THR A 40 4.36 -24.44 3.05
C THR A 40 3.48 -23.24 2.72
N ASN A 41 2.29 -23.17 3.32
CA ASN A 41 1.37 -22.08 3.02
C ASN A 41 1.58 -20.84 3.88
N PHE A 42 2.41 -20.92 4.91
CA PHE A 42 2.78 -19.73 5.68
C PHE A 42 3.56 -18.75 4.80
N ILE A 43 3.11 -17.51 4.72
CA ILE A 43 3.80 -16.53 3.90
C ILE A 43 4.34 -15.36 4.70
N GLY A 44 4.20 -15.36 6.02
CA GLY A 44 4.81 -14.31 6.81
C GLY A 44 3.99 -13.87 8.01
N GLU A 45 4.62 -13.14 8.93
CA GLU A 45 3.97 -12.77 10.19
C GLU A 45 4.46 -11.39 10.59
N GLY A 46 3.72 -10.37 10.17
CA GLY A 46 3.98 -9.00 10.56
C GLY A 46 3.26 -8.62 11.83
N GLY A 47 3.08 -7.31 12.00
CA GLY A 47 2.53 -6.80 13.24
C GLY A 47 1.11 -7.25 13.53
N PHE A 48 0.35 -7.55 12.48
CA PHE A 48 -1.05 -7.93 12.66
C PHE A 48 -1.26 -9.44 12.72
N GLY A 49 -0.20 -10.24 12.58
CA GLY A 49 -0.32 -11.68 12.76
C GLY A 49 0.08 -12.47 11.54
N PRO A 50 0.11 -13.80 11.66
CA PRO A 50 0.56 -14.64 10.55
C PRO A 50 -0.44 -14.65 9.41
N VAL A 51 0.08 -14.85 8.21
CA VAL A 51 -0.74 -14.95 7.01
C VAL A 51 -0.46 -16.27 6.31
N TYR A 52 -1.51 -16.98 5.92
CA TYR A 52 -1.40 -18.25 5.20
C TYR A 52 -2.09 -18.15 3.86
N LYS A 53 -1.44 -18.68 2.83
CA LYS A 53 -2.07 -18.78 1.53
C LYS A 53 -3.04 -19.97 1.51
N GLY A 54 -4.14 -19.80 0.78
CA GLY A 54 -5.14 -20.85 0.73
C GLY A 54 -5.94 -20.76 -0.55
N TYR A 55 -6.91 -21.66 -0.68
CA TYR A 55 -7.74 -21.67 -1.87
C TYR A 55 -9.16 -22.05 -1.47
N VAL A 56 -10.12 -21.28 -1.94
CA VAL A 56 -11.52 -21.65 -1.80
C VAL A 56 -11.98 -22.24 -3.13
N HIS A 57 -12.48 -23.47 -3.08
CA HIS A 57 -13.02 -24.08 -4.28
C HIS A 57 -14.44 -23.57 -4.51
N ASP A 58 -14.96 -23.87 -5.70
CA ASP A 58 -16.26 -23.34 -6.07
C ASP A 58 -17.33 -23.78 -5.08
N LYS A 59 -17.20 -24.98 -4.52
CA LYS A 59 -18.19 -25.52 -3.60
C LYS A 59 -17.99 -25.07 -2.15
N THR A 60 -16.90 -24.36 -1.84
CA THR A 60 -16.60 -24.05 -0.44
C THR A 60 -17.66 -23.15 0.19
N LYS A 61 -18.10 -22.11 -0.50
CA LYS A 61 -19.14 -21.21 0.03
C LYS A 61 -20.17 -20.89 -1.04
N PRO A 62 -21.46 -20.94 -0.71
CA PRO A 62 -22.48 -20.55 -1.69
C PRO A 62 -22.33 -19.08 -2.08
N GLY A 63 -22.32 -18.82 -3.37
CA GLY A 63 -22.19 -17.48 -3.90
C GLY A 63 -20.77 -16.95 -3.96
N LEU A 64 -19.77 -17.74 -3.59
CA LEU A 64 -18.37 -17.31 -3.63
C LEU A 64 -17.65 -18.09 -4.72
N ALA A 65 -17.04 -17.37 -5.66
CA ALA A 65 -16.30 -17.99 -6.76
C ALA A 65 -15.01 -18.61 -6.23
N ALA A 66 -14.60 -19.70 -6.87
CA ALA A 66 -13.31 -20.30 -6.54
C ALA A 66 -12.18 -19.30 -6.76
N GLN A 67 -11.23 -19.28 -5.84
CA GLN A 67 -10.12 -18.31 -5.91
C GLN A 67 -9.09 -18.57 -4.82
N THR A 68 -7.88 -18.06 -5.04
CA THR A 68 -6.85 -18.07 -4.02
C THR A 68 -7.14 -16.99 -2.98
N VAL A 69 -6.84 -17.29 -1.71
CA VAL A 69 -7.12 -16.38 -0.61
C VAL A 69 -5.89 -16.25 0.28
N ALA A 70 -5.89 -15.20 1.08
CA ALA A 70 -4.90 -15.02 2.15
C ALA A 70 -5.66 -15.01 3.46
N VAL A 71 -5.25 -15.86 4.40
CA VAL A 71 -5.93 -16.02 5.67
C VAL A 71 -5.04 -15.39 6.75
N ARG A 72 -5.50 -14.31 7.36
CA ARG A 72 -4.76 -13.69 8.45
C ARG A 72 -5.28 -14.18 9.79
N LEU A 73 -4.38 -14.60 10.66
CA LEU A 73 -4.71 -14.92 12.04
C LEU A 73 -4.39 -13.67 12.83
N LEU A 74 -5.44 -12.94 13.23
CA LEU A 74 -5.24 -11.62 13.82
C LEU A 74 -4.52 -11.70 15.15
N ASP A 75 -3.53 -10.84 15.33
CA ASP A 75 -2.81 -10.70 16.58
C ASP A 75 -2.95 -9.24 17.01
N THR A 87 -16.76 -6.88 16.62
CA THR A 87 -17.79 -6.24 15.74
C THR A 87 -17.09 -5.32 14.73
N GLU A 88 -15.77 -5.18 14.84
CA GLU A 88 -14.96 -4.33 13.92
C GLU A 88 -15.05 -4.89 12.49
N VAL A 89 -15.10 -6.23 12.35
CA VAL A 89 -15.13 -6.90 11.03
C VAL A 89 -16.37 -6.49 10.21
N PHE A 90 -17.51 -6.24 10.85
CA PHE A 90 -18.73 -5.85 10.11
C PHE A 90 -18.49 -4.52 9.40
N PHE A 91 -17.79 -3.60 10.05
CA PHE A 91 -17.46 -2.30 9.43
C PHE A 91 -16.50 -2.55 8.25
N LEU A 92 -15.45 -3.33 8.48
CA LEU A 92 -14.45 -3.65 7.43
C LEU A 92 -15.17 -4.20 6.20
N GLY A 93 -16.18 -5.04 6.40
CA GLY A 93 -16.94 -5.61 5.27
C GLY A 93 -17.66 -4.56 4.42
N GLN A 94 -17.87 -3.36 4.96
CA GLN A 94 -18.49 -2.23 4.22
C GLN A 94 -17.43 -1.48 3.40
N LEU A 95 -16.14 -1.64 3.71
CA LEU A 95 -15.14 -0.86 2.99
C LEU A 95 -14.77 -1.56 1.68
N ARG A 96 -15.69 -1.49 0.73
CA ARG A 96 -15.55 -2.16 -0.56
C ARG A 96 -15.26 -1.13 -1.66
N HIS A 97 -14.18 -1.38 -2.41
CA HIS A 97 -13.64 -0.41 -3.36
C HIS A 97 -12.68 -1.14 -4.28
N PRO A 98 -12.60 -0.76 -5.56
CA PRO A 98 -11.72 -1.50 -6.48
C PRO A 98 -10.26 -1.48 -6.10
N HIS A 99 -9.84 -0.53 -5.27
CA HIS A 99 -8.44 -0.41 -4.90
C HIS A 99 -8.20 -0.72 -3.43
N LEU A 100 -9.10 -1.52 -2.84
CA LEU A 100 -8.93 -2.03 -1.46
C LEU A 100 -8.95 -3.56 -1.57
N VAL A 101 -8.04 -4.25 -0.88
CA VAL A 101 -8.06 -5.74 -0.93
C VAL A 101 -9.43 -6.19 -0.41
N LYS A 102 -10.09 -7.09 -1.13
CA LYS A 102 -11.44 -7.53 -0.71
C LYS A 102 -11.38 -8.44 0.53
N LEU A 103 -12.18 -8.11 1.54
CA LEU A 103 -12.32 -8.99 2.72
C LEU A 103 -13.46 -9.96 2.37
N ILE A 104 -13.14 -11.24 2.21
CA ILE A 104 -14.15 -12.25 1.79
C ILE A 104 -14.96 -12.74 2.98
N GLY A 105 -14.30 -12.92 4.14
CA GLY A 105 -15.03 -13.42 5.28
C GLY A 105 -14.16 -13.48 6.51
N TYR A 106 -14.67 -14.16 7.53
CA TYR A 106 -13.96 -14.22 8.81
C TYR A 106 -14.34 -15.49 9.55
N CYS A 107 -13.56 -15.80 10.58
CA CYS A 107 -13.80 -16.94 11.44
C CYS A 107 -13.44 -16.54 12.87
N TYR A 108 -14.40 -16.69 13.79
CA TYR A 108 -14.18 -16.42 15.21
C TYR A 108 -14.44 -17.72 15.94
N GLU A 109 -13.39 -18.30 16.54
CA GLU A 109 -13.54 -19.62 17.15
C GLU A 109 -12.45 -19.80 18.19
N ASP A 110 -12.84 -20.20 19.40
CA ASP A 110 -11.88 -20.57 20.45
C ASP A 110 -10.81 -19.49 20.64
N GLU A 111 -11.26 -18.23 20.72
CA GLU A 111 -10.41 -17.07 20.97
C GLU A 111 -9.57 -16.67 19.75
N HIS A 112 -9.54 -17.48 18.71
CA HIS A 112 -8.92 -17.09 17.45
C HIS A 112 -9.82 -16.15 16.66
N ARG A 113 -9.21 -15.16 15.99
CA ARG A 113 -9.93 -14.28 15.07
C ARG A 113 -9.20 -14.32 13.74
N LEU A 114 -9.83 -14.89 12.71
CA LEU A 114 -9.20 -15.05 11.40
C LEU A 114 -9.95 -14.22 10.36
N LEU A 115 -9.21 -13.61 9.45
CA LEU A 115 -9.76 -12.87 8.33
C LEU A 115 -9.36 -13.53 7.03
N VAL A 116 -10.29 -13.61 6.08
CA VAL A 116 -10.05 -14.22 4.78
C VAL A 116 -10.14 -13.14 3.73
N TYR A 117 -9.02 -12.88 3.05
CA TYR A 117 -8.91 -11.86 2.04
C TYR A 117 -8.67 -12.47 0.66
N GLU A 118 -9.01 -11.74 -0.39
CA GLU A 118 -8.54 -12.12 -1.71
C GLU A 118 -7.01 -12.12 -1.73
N PHE A 119 -6.43 -13.09 -2.42
CA PHE A 119 -4.98 -13.19 -2.51
C PHE A 119 -4.48 -12.33 -3.66
N MET A 120 -3.52 -11.46 -3.38
CA MET A 120 -2.99 -10.55 -4.38
C MET A 120 -1.80 -11.23 -5.04
N THR A 121 -1.96 -11.60 -6.31
CA THR A 121 -1.10 -12.57 -6.98
C THR A 121 0.36 -12.13 -7.00
N ARG A 122 0.60 -10.84 -7.17
CA ARG A 122 1.98 -10.35 -7.25
C ARG A 122 2.50 -9.83 -5.92
N GLY A 123 1.68 -9.85 -4.88
CA GLY A 123 2.24 -9.55 -3.57
C GLY A 123 2.49 -8.06 -3.41
N SER A 124 3.28 -7.74 -2.39
CA SER A 124 3.47 -6.32 -2.01
C SER A 124 4.44 -5.59 -2.95
N LEU A 125 4.22 -4.28 -3.07
CA LEU A 125 4.97 -3.37 -3.99
C LEU A 125 6.47 -3.35 -3.67
N GLU A 126 6.87 -3.46 -2.41
CA GLU A 126 8.32 -3.36 -2.06
C GLU A 126 9.13 -4.51 -2.67
N LYS A 127 8.52 -5.69 -2.85
CA LYS A 127 9.23 -6.85 -3.47
C LYS A 127 9.64 -6.53 -4.91
N HIS A 128 8.83 -5.75 -5.64
CA HIS A 128 9.12 -5.37 -7.04
C HIS A 128 9.89 -4.05 -7.11
N LEU A 129 9.51 -3.08 -6.29
CA LEU A 129 10.10 -1.72 -6.37
C LEU A 129 11.52 -1.64 -5.80
N PHE A 130 11.83 -2.41 -4.76
CA PHE A 130 13.15 -2.29 -4.14
C PHE A 130 14.17 -3.19 -4.80
N LYS A 131 13.80 -3.87 -5.88
CA LYS A 131 14.80 -4.47 -6.74
C LYS A 131 15.67 -3.37 -7.33
N LYS A 132 16.91 -3.73 -7.67
CA LYS A 132 17.88 -2.73 -8.12
C LYS A 132 17.39 -1.99 -9.35
N TYR A 133 16.88 -2.73 -10.33
CA TYR A 133 16.42 -2.14 -11.58
C TYR A 133 14.92 -1.94 -11.63
N ALA A 134 14.15 -2.84 -11.00
CA ALA A 134 12.69 -2.78 -11.04
C ALA A 134 12.20 -2.65 -12.48
N ALA A 135 12.85 -3.36 -13.39
CA ALA A 135 12.51 -3.27 -14.80
C ALA A 135 11.11 -3.80 -15.08
N SER A 136 10.56 -4.62 -14.19
CA SER A 136 9.17 -5.06 -14.30
C SER A 136 8.17 -3.94 -14.08
N LEU A 137 8.61 -2.78 -13.57
CA LEU A 137 7.73 -1.66 -13.27
C LEU A 137 8.10 -0.47 -14.16
N PRO A 138 7.66 -0.46 -15.41
CA PRO A 138 7.90 0.70 -16.27
C PRO A 138 7.10 1.90 -15.79
N TRP A 139 7.43 3.06 -16.36
CA TRP A 139 6.83 4.32 -15.91
C TRP A 139 5.30 4.26 -15.85
N SER A 140 4.65 3.78 -16.92
CA SER A 140 3.19 3.80 -16.91
C SER A 140 2.61 2.89 -15.82
N THR A 141 3.28 1.76 -15.54
CA THR A 141 2.85 0.89 -14.46
C THR A 141 3.01 1.57 -13.11
N ARG A 142 4.13 2.26 -12.89
CA ARG A 142 4.31 2.98 -11.63
C ARG A 142 3.25 4.06 -11.45
N LEU A 143 2.90 4.76 -12.52
CA LEU A 143 1.84 5.77 -12.42
C LEU A 143 0.51 5.12 -12.09
N LYS A 144 0.20 3.98 -12.73
CA LYS A 144 -1.05 3.28 -12.44
C LYS A 144 -1.11 2.82 -10.99
N ILE A 145 0.02 2.36 -10.45
CA ILE A 145 0.09 1.95 -9.04
C ILE A 145 -0.14 3.15 -8.13
N ALA A 146 0.53 4.27 -8.43
CA ALA A 146 0.35 5.47 -7.62
C ALA A 146 -1.10 5.94 -7.63
N ILE A 147 -1.73 5.90 -8.80
CA ILE A 147 -3.10 6.38 -8.90
C ILE A 147 -4.04 5.45 -8.14
N GLY A 148 -3.86 4.14 -8.29
CA GLY A 148 -4.74 3.20 -7.61
C GLY A 148 -4.62 3.30 -6.10
N ALA A 149 -3.37 3.39 -5.60
CA ALA A 149 -3.19 3.56 -4.16
C ALA A 149 -3.82 4.85 -3.67
N ALA A 150 -3.70 5.93 -4.46
CA ALA A 150 -4.34 7.19 -4.06
C ALA A 150 -5.86 7.05 -4.00
N LYS A 151 -6.46 6.33 -4.97
CA LYS A 151 -7.92 6.15 -4.95
C LYS A 151 -8.36 5.37 -3.73
N GLY A 152 -7.61 4.32 -3.37
CA GLY A 152 -7.98 3.56 -2.19
C GLY A 152 -7.87 4.37 -0.91
N LEU A 153 -6.81 5.17 -0.80
CA LEU A 153 -6.64 5.98 0.39
C LEU A 153 -7.71 7.07 0.48
N ALA A 154 -8.07 7.67 -0.66
CA ALA A 154 -9.12 8.67 -0.66
C ALA A 154 -10.44 8.07 -0.20
N PHE A 155 -10.74 6.84 -0.63
CA PHE A 155 -11.97 6.17 -0.21
C PHE A 155 -11.98 5.97 1.30
N LEU A 156 -10.87 5.49 1.85
CA LEU A 156 -10.76 5.24 3.31
C LEU A 156 -10.93 6.56 4.08
N HIS A 157 -10.29 7.63 3.62
CA HIS A 157 -10.34 8.93 4.33
C HIS A 157 -11.73 9.58 4.20
N GLU A 158 -12.47 9.26 3.14
CA GLU A 158 -13.81 9.87 2.90
C GLU A 158 -14.93 8.96 3.38
N ALA A 159 -14.62 7.89 4.13
CA ALA A 159 -15.65 6.96 4.63
C ALA A 159 -16.46 7.60 5.77
N GLU A 160 -17.66 7.06 6.07
CA GLU A 160 -18.55 7.57 7.15
C GLU A 160 -17.72 7.75 8.43
N LYS A 161 -16.98 6.71 8.83
CA LYS A 161 -15.99 6.81 9.93
C LYS A 161 -14.64 6.81 9.20
N PRO A 162 -13.88 7.93 9.14
CA PRO A 162 -12.63 7.95 8.40
C PRO A 162 -11.68 6.84 8.86
N VAL A 163 -11.18 6.04 7.92
CA VAL A 163 -10.23 4.94 8.26
C VAL A 163 -8.81 5.45 8.01
N ILE A 164 -8.00 5.51 9.06
CA ILE A 164 -6.62 6.06 8.95
C ILE A 164 -5.60 5.00 9.38
N TYR A 165 -4.50 4.89 8.63
CA TYR A 165 -3.45 3.95 8.97
C TYR A 165 -2.60 4.50 10.12
N ARG A 166 -2.06 3.59 10.93
CA ARG A 166 -1.01 3.99 11.84
C ARG A 166 0.35 4.02 11.15
N ASP A 167 0.60 3.07 10.25
CA ASP A 167 1.92 2.85 9.68
C ASP A 167 1.79 2.55 8.17
N PHE A 168 1.22 3.51 7.44
CA PHE A 168 1.06 3.32 5.98
C PHE A 168 2.44 3.38 5.31
N LYS A 169 2.77 2.34 4.54
CA LYS A 169 4.08 2.30 3.86
C LYS A 169 3.95 1.50 2.56
N THR A 170 5.08 1.30 1.88
CA THR A 170 5.13 0.59 0.58
C THR A 170 4.47 -0.78 0.66
N SER A 171 4.65 -1.51 1.77
CA SER A 171 4.13 -2.87 1.83
C SER A 171 2.63 -2.92 2.03
N ASN A 172 1.97 -1.78 2.27
CA ASN A 172 0.52 -1.75 2.32
C ASN A 172 -0.11 -1.78 0.93
N ILE A 173 0.67 -1.65 -0.11
CA ILE A 173 0.18 -1.67 -1.49
C ILE A 173 0.48 -3.04 -2.06
N LEU A 174 -0.57 -3.79 -2.35
CA LEU A 174 -0.43 -5.11 -2.96
C LEU A 174 -0.87 -5.04 -4.43
N LEU A 175 -0.39 -6.00 -5.22
CA LEU A 175 -0.51 -5.93 -6.67
C LEU A 175 -1.18 -7.19 -7.20
N ASP A 176 -2.11 -7.02 -8.14
CA ASP A 176 -2.72 -8.19 -8.78
C ASP A 176 -1.92 -8.53 -10.04
N SER A 177 -2.43 -9.46 -10.84
CA SER A 177 -1.65 -9.94 -11.98
C SER A 177 -1.43 -8.86 -13.03
N ASP A 178 -2.29 -7.83 -13.05
CA ASP A 178 -2.17 -6.71 -13.96
C ASP A 178 -1.41 -5.54 -13.34
N TYR A 179 -0.78 -5.74 -12.18
CA TYR A 179 -0.14 -4.68 -11.41
C TYR A 179 -1.15 -3.60 -10.99
N LYS A 180 -2.42 -3.97 -10.86
CA LYS A 180 -3.39 -3.10 -10.23
C LYS A 180 -3.11 -3.05 -8.73
N ALA A 181 -3.10 -1.85 -8.17
CA ALA A 181 -2.79 -1.66 -6.76
C ALA A 181 -4.03 -1.71 -5.90
N LYS A 182 -3.95 -2.44 -4.80
CA LYS A 182 -5.01 -2.49 -3.79
C LYS A 182 -4.39 -2.40 -2.42
N LEU A 183 -4.99 -1.58 -1.56
CA LEU A 183 -4.45 -1.37 -0.23
C LEU A 183 -4.84 -2.51 0.71
N SER A 184 -3.91 -2.90 1.57
CA SER A 184 -4.11 -3.97 2.55
C SER A 184 -4.06 -3.43 3.97
N ASP A 185 -4.61 -4.24 4.88
CA ASP A 185 -4.51 -4.04 6.33
C ASP A 185 -5.23 -2.78 6.81
N PHE A 186 -6.17 -2.28 6.02
CA PHE A 186 -6.94 -1.07 6.42
C PHE A 186 -7.91 -1.42 7.55
N GLY A 187 -8.06 -0.50 8.52
CA GLY A 187 -8.99 -0.66 9.64
C GLY A 187 -8.55 -1.64 10.72
N LEU A 188 -7.33 -2.17 10.64
CA LEU A 188 -6.83 -3.16 11.65
C LEU A 188 -6.15 -2.41 12.79
N ALA A 189 -5.69 -1.18 12.56
CA ALA A 189 -5.01 -0.40 13.61
C ALA A 189 -5.98 -0.08 14.75
N GLY A 206 8.89 5.41 13.29
CA GLY A 206 9.23 6.25 12.13
C GLY A 206 10.66 6.04 11.66
N THR A 207 11.26 4.90 12.03
CA THR A 207 12.67 4.59 11.64
C THR A 207 12.76 4.23 10.16
N GLN A 208 11.65 3.78 9.55
CA GLN A 208 11.66 3.37 8.12
C GLN A 208 11.47 4.59 7.21
N GLY A 209 11.02 5.72 7.76
CA GLY A 209 10.89 6.97 6.99
C GLY A 209 9.50 7.23 6.41
N TYR A 210 8.48 6.48 6.84
CA TYR A 210 7.12 6.72 6.28
C TYR A 210 6.26 7.52 7.25
N ALA A 211 6.76 7.79 8.45
CA ALA A 211 5.94 8.52 9.45
C ALA A 211 6.13 10.03 9.29
N ALA A 212 5.01 10.76 9.11
CA ALA A 212 5.03 12.23 9.00
C ALA A 212 5.61 12.73 10.32
N PRO A 213 6.64 13.80 10.45
CA PRO A 213 7.40 14.30 11.62
C PRO A 213 6.52 14.66 12.80
N GLU A 214 5.36 15.27 12.56
CA GLU A 214 4.46 15.61 13.66
C GLU A 214 3.85 14.38 14.29
N TYR A 215 3.69 13.30 13.51
CA TYR A 215 3.16 12.08 14.09
C TYR A 215 4.20 11.40 14.98
N ILE A 216 5.45 11.40 14.55
CA ILE A 216 6.53 10.86 15.38
C ILE A 216 6.57 11.59 16.72
N MET A 217 6.49 12.93 16.68
CA MET A 217 6.59 13.73 17.90
C MET A 217 5.36 13.56 18.81
N THR A 218 4.17 13.48 18.21
CA THR A 218 2.93 13.50 19.03
C THR A 218 2.20 12.16 19.05
N GLY A 219 2.23 11.41 17.95
CA GLY A 219 1.50 10.13 17.90
C GLY A 219 0.02 10.34 17.62
N HIS A 220 -0.37 11.54 17.19
CA HIS A 220 -1.78 11.87 16.86
C HIS A 220 -2.08 11.36 15.45
N LEU A 221 -3.00 10.40 15.34
CA LEU A 221 -3.38 9.80 14.03
C LEU A 221 -4.28 10.77 13.26
N THR A 222 -3.82 11.21 12.09
CA THR A 222 -4.61 12.14 11.24
C THR A 222 -4.54 11.66 9.79
N ALA A 223 -5.52 12.05 8.97
CA ALA A 223 -5.47 11.65 7.55
C ALA A 223 -4.18 12.21 6.93
N LYS A 224 -3.72 13.39 7.38
CA LYS A 224 -2.51 13.95 6.80
C LYS A 224 -1.26 13.13 7.11
N SER A 225 -1.28 12.31 8.17
CA SER A 225 -0.16 11.42 8.40
C SER A 225 -0.10 10.34 7.33
N ASP A 226 -1.26 9.90 6.83
CA ASP A 226 -1.30 8.95 5.73
C ASP A 226 -0.83 9.62 4.44
N VAL A 227 -1.23 10.88 4.22
CA VAL A 227 -0.81 11.56 3.01
C VAL A 227 0.70 11.67 2.97
N TYR A 228 1.33 11.95 4.12
CA TYR A 228 2.79 11.99 4.16
C TYR A 228 3.38 10.64 3.73
N GLY A 229 2.88 9.54 4.30
CA GLY A 229 3.41 8.23 3.93
C GLY A 229 3.20 7.92 2.46
N TYR A 230 2.02 8.28 1.93
CA TYR A 230 1.77 8.15 0.51
C TYR A 230 2.81 8.92 -0.31
N GLY A 231 3.09 10.17 0.09
CA GLY A 231 4.11 10.94 -0.61
C GLY A 231 5.47 10.26 -0.61
N VAL A 232 5.84 9.64 0.51
CA VAL A 232 7.09 8.89 0.56
C VAL A 232 7.07 7.74 -0.44
N VAL A 233 5.95 7.00 -0.49
CA VAL A 233 5.85 5.89 -1.45
C VAL A 233 5.93 6.43 -2.88
N LEU A 234 5.32 7.58 -3.14
CA LEU A 234 5.42 8.15 -4.49
C LEU A 234 6.86 8.50 -4.83
N LEU A 235 7.61 9.03 -3.86
CA LEU A 235 9.03 9.27 -4.08
C LEU A 235 9.76 7.96 -4.33
N GLU A 236 9.38 6.87 -3.64
CA GLU A 236 9.99 5.57 -3.92
C GLU A 236 9.67 5.12 -5.34
N LEU A 237 8.45 5.36 -5.80
CA LEU A 237 8.10 4.99 -7.17
C LEU A 237 8.89 5.82 -8.18
N LEU A 238 9.05 7.13 -7.94
CA LEU A 238 9.79 7.97 -8.88
C LEU A 238 11.26 7.58 -8.93
N SER A 239 11.85 7.28 -7.78
CA SER A 239 13.29 7.10 -7.66
C SER A 239 13.73 5.65 -7.71
N GLY A 240 12.81 4.70 -7.47
CA GLY A 240 13.21 3.31 -7.32
C GLY A 240 13.93 2.98 -6.04
N ARG A 241 14.06 3.95 -5.13
CA ARG A 241 14.85 3.84 -3.90
C ARG A 241 13.95 3.66 -2.69
N LYS A 242 14.39 2.80 -1.76
CA LYS A 242 13.75 2.68 -0.46
C LYS A 242 13.81 4.00 0.33
N ALA A 243 12.78 4.24 1.15
CA ALA A 243 12.64 5.53 1.82
C ALA A 243 13.84 5.83 2.73
N VAL A 244 14.34 4.83 3.44
CA VAL A 244 15.54 4.99 4.24
C VAL A 244 16.47 3.84 3.92
N ASP A 245 17.70 4.14 3.52
CA ASP A 245 18.70 3.13 3.20
C ASP A 245 20.01 3.61 3.80
N LYS A 246 20.36 3.06 4.95
CA LYS A 246 21.52 3.54 5.68
C LYS A 246 22.82 3.28 4.94
N THR A 247 22.84 2.35 3.97
CA THR A 247 24.08 2.08 3.25
C THR A 247 24.42 3.19 2.26
N ARG A 248 23.47 4.06 1.95
CA ARG A 248 23.79 5.19 1.03
C ARG A 248 24.57 6.25 1.81
N PRO A 249 25.27 7.19 1.13
CA PRO A 249 25.96 8.28 1.85
C PRO A 249 25.02 9.06 2.78
N PRO A 250 25.51 9.55 3.95
CA PRO A 250 24.67 10.24 4.95
C PRO A 250 23.61 11.23 4.46
N ARG A 251 23.92 12.02 3.43
CA ARG A 251 22.99 13.01 2.83
C ARG A 251 21.98 12.31 1.92
N GLU A 252 22.21 11.05 1.55
CA GLU A 252 21.28 10.30 0.65
C GLU A 252 20.48 9.25 1.44
N GLN A 253 20.83 9.02 2.70
CA GLN A 253 20.15 7.98 3.51
C GLN A 253 18.62 8.20 3.52
N SER A 254 18.19 9.41 3.82
CA SER A 254 16.77 9.75 3.81
C SER A 254 16.37 10.17 2.40
N LEU A 255 15.53 9.36 1.76
CA LEU A 255 15.06 9.70 0.39
C LEU A 255 14.36 11.06 0.41
N VAL A 256 13.50 11.30 1.41
CA VAL A 256 12.73 12.57 1.49
C VAL A 256 13.67 13.77 1.64
N GLU A 257 14.55 13.74 2.63
CA GLU A 257 15.47 14.88 2.89
C GLU A 257 16.37 15.13 1.68
N TRP A 258 16.85 14.05 1.05
CA TRP A 258 17.77 14.18 -0.11
C TRP A 258 17.03 14.68 -1.36
N ALA A 259 15.83 14.16 -1.62
CA ALA A 259 15.12 14.51 -2.87
C ALA A 259 14.43 15.88 -2.81
N ARG A 260 14.01 16.34 -1.62
CA ARG A 260 13.23 17.57 -1.52
C ARG A 260 13.81 18.74 -2.30
N PRO A 261 15.09 19.10 -2.17
CA PRO A 261 15.60 20.26 -2.93
C PRO A 261 15.51 20.10 -4.44
N TYR A 262 15.50 18.87 -4.94
CA TYR A 262 15.45 18.60 -6.37
C TYR A 262 14.05 18.62 -6.95
N LEU A 263 13.02 18.54 -6.11
CA LEU A 263 11.66 18.42 -6.65
C LEU A 263 11.13 19.72 -7.26
N THR A 264 11.86 20.81 -7.08
CA THR A 264 11.45 22.09 -7.73
C THR A 264 12.44 22.42 -8.85
N ASP A 265 13.36 21.50 -9.14
CA ASP A 265 14.41 21.73 -10.18
C ASP A 265 14.22 20.74 -11.32
N ALA A 266 13.48 21.14 -12.36
CA ALA A 266 13.18 20.26 -13.52
C ALA A 266 14.46 19.84 -14.26
N ARG A 267 15.49 20.69 -14.29
CA ARG A 267 16.74 20.35 -15.01
C ARG A 267 17.60 19.40 -14.17
N ARG A 268 17.36 19.30 -12.86
CA ARG A 268 18.17 18.42 -11.98
C ARG A 268 17.29 17.30 -11.39
N LEU A 269 16.07 17.14 -11.91
CA LEU A 269 15.14 16.09 -11.41
C LEU A 269 15.66 14.70 -11.81
N ASP A 270 16.41 14.60 -12.92
CA ASP A 270 16.99 13.32 -13.36
C ASP A 270 17.86 12.74 -12.22
N ARG A 271 18.44 13.58 -11.35
CA ARG A 271 19.22 12.94 -10.26
C ARG A 271 18.33 12.06 -9.36
N VAL A 272 17.04 12.38 -9.23
CA VAL A 272 16.10 11.62 -8.36
C VAL A 272 15.44 10.47 -9.13
N MET A 273 15.07 10.69 -10.40
CA MET A 273 14.35 9.68 -11.17
C MET A 273 15.17 8.39 -11.30
N ASP A 274 14.47 7.27 -11.19
CA ASP A 274 15.07 5.95 -11.35
C ASP A 274 15.76 5.85 -12.71
N PRO A 275 17.06 5.50 -12.75
CA PRO A 275 17.73 5.35 -14.06
C PRO A 275 17.08 4.31 -14.96
N SER A 276 16.41 3.31 -14.38
CA SER A 276 15.77 2.31 -15.21
C SER A 276 14.55 2.86 -15.95
N LEU A 277 14.08 4.05 -15.58
CA LEU A 277 12.95 4.66 -16.26
C LEU A 277 13.38 5.58 -17.40
N ALA A 278 14.68 5.77 -17.60
CA ALA A 278 15.15 6.77 -18.55
C ALA A 278 14.51 6.59 -19.91
N GLY A 279 14.01 7.69 -20.48
CA GLY A 279 13.40 7.67 -21.78
C GLY A 279 11.91 7.33 -21.80
N GLN A 280 11.33 6.91 -20.68
CA GLN A 280 9.94 6.50 -20.67
C GLN A 280 8.97 7.61 -20.29
N TYR A 281 9.48 8.72 -19.75
CA TYR A 281 8.63 9.79 -19.24
C TYR A 281 9.04 11.12 -19.84
N SER A 282 8.06 12.01 -19.99
CA SER A 282 8.39 13.39 -20.33
C SER A 282 8.82 14.13 -19.06
N THR A 283 9.63 15.16 -19.25
CA THR A 283 10.01 16.01 -18.12
C THR A 283 8.79 16.60 -17.45
N ARG A 284 7.81 17.03 -18.25
CA ARG A 284 6.56 17.57 -17.71
C ARG A 284 5.89 16.58 -16.76
N ALA A 285 5.75 15.33 -17.19
CA ALA A 285 5.06 14.34 -16.36
C ALA A 285 5.85 14.04 -15.11
N ALA A 286 7.17 13.87 -15.25
CA ALA A 286 8.02 13.61 -14.07
C ALA A 286 7.96 14.76 -13.08
N HIS A 287 8.01 16.01 -13.58
CA HIS A 287 8.02 17.14 -12.66
C HIS A 287 6.67 17.29 -11.95
N LYS A 288 5.56 17.03 -12.66
CA LYS A 288 4.27 17.09 -11.98
C LYS A 288 4.15 16.01 -10.91
N ALA A 289 4.58 14.78 -11.23
CA ALA A 289 4.52 13.73 -10.21
C ALA A 289 5.42 14.06 -9.03
N ALA A 290 6.60 14.63 -9.31
CA ALA A 290 7.50 15.06 -8.23
C ALA A 290 6.88 16.16 -7.39
N ALA A 291 6.14 17.07 -8.04
CA ALA A 291 5.48 18.14 -7.30
C ALA A 291 4.33 17.61 -6.44
N VAL A 292 3.63 16.57 -6.92
CA VAL A 292 2.62 15.92 -6.09
C VAL A 292 3.27 15.32 -4.85
N ALA A 293 4.38 14.60 -5.04
CA ALA A 293 5.09 14.00 -3.90
C ALA A 293 5.59 15.08 -2.95
N HIS A 294 6.13 16.17 -3.50
CA HIS A 294 6.62 17.28 -2.70
C HIS A 294 5.52 17.84 -1.82
N GLN A 295 4.31 17.99 -2.37
CA GLN A 295 3.19 18.50 -1.58
C GLN A 295 2.80 17.52 -0.48
N CYS A 296 2.83 16.23 -0.79
CA CYS A 296 2.40 15.23 0.16
C CYS A 296 3.37 15.09 1.33
N VAL A 297 4.67 15.34 1.11
CA VAL A 297 5.65 15.22 2.19
C VAL A 297 5.96 16.59 2.79
N ALA A 298 5.09 17.58 2.59
CA ALA A 298 5.29 18.89 3.18
C ALA A 298 5.40 18.77 4.70
N LEU A 299 6.36 19.49 5.28
CA LEU A 299 6.51 19.50 6.73
C LEU A 299 5.28 20.09 7.42
N ASN A 300 4.63 21.06 6.78
CA ASN A 300 3.37 21.60 7.27
C ASN A 300 2.21 20.71 6.85
N PRO A 301 1.54 20.04 7.79
CA PRO A 301 0.44 19.13 7.40
C PRO A 301 -0.68 19.83 6.67
N LYS A 302 -0.88 21.13 6.93
CA LYS A 302 -1.91 21.88 6.22
C LYS A 302 -1.57 22.07 4.75
N SER A 303 -0.28 21.99 4.39
CA SER A 303 0.08 22.03 2.98
C SER A 303 -0.26 20.74 2.24
N ARG A 304 -0.37 19.61 2.95
CA ARG A 304 -0.60 18.34 2.27
C ARG A 304 -2.00 18.28 1.69
N PRO A 305 -2.16 17.72 0.50
CA PRO A 305 -3.46 17.67 -0.15
C PRO A 305 -4.36 16.59 0.43
N HIS A 306 -5.65 16.72 0.14
CA HIS A 306 -6.54 15.58 0.29
C HIS A 306 -6.22 14.55 -0.78
N MET A 307 -6.40 13.26 -0.45
CA MET A 307 -6.00 12.23 -1.40
C MET A 307 -6.84 12.29 -2.67
N SER A 308 -8.09 12.76 -2.61
CA SER A 308 -8.85 12.92 -3.84
C SER A 308 -8.21 13.93 -4.78
N ALA A 309 -7.57 14.97 -4.24
CA ALA A 309 -6.85 15.92 -5.09
C ALA A 309 -5.60 15.28 -5.68
N VAL A 310 -4.99 14.33 -4.98
CA VAL A 310 -3.84 13.62 -5.55
C VAL A 310 -4.28 12.80 -6.75
N VAL A 311 -5.39 12.07 -6.62
CA VAL A 311 -5.94 11.32 -7.74
C VAL A 311 -6.14 12.24 -8.94
N ASP A 312 -6.75 13.40 -8.69
CA ASP A 312 -7.10 14.31 -9.78
C ASP A 312 -5.84 14.85 -10.46
N ALA A 313 -4.75 15.02 -9.72
CA ALA A 313 -3.51 15.54 -10.30
C ALA A 313 -2.73 14.47 -11.07
N LEU A 314 -2.81 13.21 -10.62
CA LEU A 314 -2.00 12.16 -11.26
C LEU A 314 -2.69 11.51 -12.45
N GLU A 315 -4.00 11.37 -12.43
CA GLU A 315 -4.70 10.69 -13.52
C GLU A 315 -4.38 11.27 -14.89
N PRO A 316 -4.26 12.58 -15.10
CA PRO A 316 -3.93 13.08 -16.44
C PRO A 316 -2.57 12.64 -16.95
N LEU A 317 -1.65 12.27 -16.07
CA LEU A 317 -0.33 11.84 -16.54
C LEU A 317 -0.40 10.52 -17.29
N LEU A 318 -1.41 9.70 -17.05
CA LEU A 318 -1.58 8.47 -17.82
C LEU A 318 -2.07 8.77 -19.22
#